data_4WY4
#
_entry.id   4WY4
#
_cell.length_a   82.850
_cell.length_b   35.030
_cell.length_c   104.200
_cell.angle_alpha   90.000
_cell.angle_beta   94.090
_cell.angle_gamma   90.000
#
_symmetry.space_group_name_H-M   'C 1 2 1'
#
loop_
_entity.id
_entity.type
_entity.pdbx_description
1 polymer 'Vesicle-associated membrane protein 8'
2 polymer Syntaxin-17
3 polymer 'Synaptosomal-associated protein 29'
4 polymer 'Synaptosomal-associated protein 29'
5 water water
#
loop_
_entity_poly.entity_id
_entity_poly.type
_entity_poly.pdbx_seq_one_letter_code
_entity_poly.pdbx_strand_id
1 'polypeptide(L)' DRVRNLQSEVEGVKNIMTQNVERILARGENLEHLRNKTEDLEATSEHFKTTSQKVARKFWWKNV A
2 'polypeptide(L)' ESWETLEADLIELSQLVTDFSLLVNSQQEKIDSIADHVNSAAVNVEEGTKNLGKAAKY B
3 'polypeptide(L)' ADRQQYLRQEVLRRAEATAASTSRSLALMYESEKVGVASSEELARQRGVLERTEKMVDKMDQDLKISQKHINSIKSVF C
4 'polypeptide(L)' HLRAYHQKIDSNLDELSMGLGRLKDIALGMQTEIEEQDDILDRLTTKVDKLDVNIKSTERKVRQL D
#
# COMPACT_ATOMS: atom_id res chain seq x y z
N ASP A 1 -31.07 0.13 25.68
CA ASP A 1 -30.78 1.45 25.13
C ASP A 1 -30.26 1.32 23.70
N ARG A 2 -31.11 1.60 22.73
CA ARG A 2 -30.79 1.30 21.34
C ARG A 2 -29.82 2.34 20.73
N VAL A 3 -29.99 3.60 21.11
CA VAL A 3 -29.09 4.64 20.63
C VAL A 3 -27.67 4.36 21.13
N ARG A 4 -27.55 4.02 22.41
CA ARG A 4 -26.25 3.74 23.02
C ARG A 4 -25.58 2.52 22.37
N ASN A 5 -26.38 1.54 21.99
CA ASN A 5 -25.88 0.32 21.36
C ASN A 5 -25.33 0.56 19.95
N LEU A 6 -26.10 1.27 19.10
CA LEU A 6 -25.58 1.64 17.78
C LEU A 6 -24.37 2.54 17.94
N GLN A 7 -24.37 3.40 18.95
CA GLN A 7 -23.23 4.29 19.16
C GLN A 7 -22.00 3.45 19.48
N SER A 8 -22.20 2.35 20.19
CA SER A 8 -21.07 1.48 20.54
C SER A 8 -20.55 0.80 19.29
N GLU A 9 -21.43 0.49 18.36
CA GLU A 9 -20.97 -0.12 17.11
C GLU A 9 -20.16 0.91 16.31
N VAL A 10 -20.64 2.15 16.22
CA VAL A 10 -19.89 3.18 15.50
C VAL A 10 -18.53 3.35 16.15
N GLU A 11 -18.49 3.32 17.49
CA GLU A 11 -17.25 3.58 18.20
C GLU A 11 -16.22 2.45 17.90
N GLY A 12 -16.72 1.23 17.74
CA GLY A 12 -15.84 0.11 17.41
C GLY A 12 -15.21 0.26 16.03
N VAL A 13 -16.00 0.69 15.04
CA VAL A 13 -15.45 0.93 13.71
C VAL A 13 -14.51 2.11 13.74
N LYS A 14 -14.86 3.17 14.48
CA LYS A 14 -13.97 4.31 14.62
C LYS A 14 -12.64 3.92 15.20
N ASN A 15 -12.64 3.08 16.24
CA ASN A 15 -11.37 2.63 16.82
C ASN A 15 -10.49 1.87 15.83
N ILE A 16 -11.10 0.98 15.04
CA ILE A 16 -10.32 0.24 14.03
C ILE A 16 -9.79 1.23 12.99
N MET A 17 -10.62 2.19 12.55
CA MET A 17 -10.16 3.14 11.54
C MET A 17 -9.09 4.09 12.05
N THR A 18 -9.13 4.46 13.33
CA THR A 18 -8.09 5.28 13.91
C THR A 18 -6.75 4.52 13.85
N GLN A 19 -6.78 3.23 14.19
CA GLN A 19 -5.57 2.42 14.12
C GLN A 19 -5.12 2.31 12.66
N ASN A 20 -6.07 2.14 11.74
CA ASN A 20 -5.74 2.04 10.32
C ASN A 20 -5.05 3.30 9.83
N VAL A 21 -5.49 4.48 10.26
CA VAL A 21 -4.82 5.71 9.87
C VAL A 21 -3.40 5.77 10.47
N GLU A 22 -3.24 5.43 11.74
CA GLU A 22 -1.92 5.39 12.36
C GLU A 22 -1.00 4.47 11.57
N ARG A 23 -1.49 3.28 11.25
CA ARG A 23 -0.65 2.31 10.54
C ARG A 23 -0.37 2.71 9.10
N ILE A 24 -1.30 3.38 8.42
CA ILE A 24 -1.03 3.83 7.05
C ILE A 24 -0.06 5.00 7.04
N LEU A 25 -0.04 5.82 8.09
CA LEU A 25 0.96 6.89 8.20
C LEU A 25 2.36 6.29 8.33
N ALA A 26 2.48 5.27 9.16
CA ALA A 26 3.76 4.54 9.29
C ALA A 26 4.14 3.92 7.94
N ARG A 27 3.18 3.33 7.24
CA ARG A 27 3.47 2.74 5.94
CA ARG A 27 3.47 2.73 5.93
C ARG A 27 4.03 3.78 5.00
N GLY A 28 3.48 4.98 4.98
CA GLY A 28 3.97 6.03 4.12
C GLY A 28 5.42 6.34 4.42
N GLU A 29 5.80 6.40 5.69
CA GLU A 29 7.19 6.64 6.07
C GLU A 29 8.09 5.49 5.63
N ASN A 30 7.63 4.26 5.83
CA ASN A 30 8.42 3.09 5.40
C ASN A 30 8.57 3.07 3.88
N LEU A 31 7.57 3.53 3.16
CA LEU A 31 7.66 3.64 1.71
C LEU A 31 8.64 4.72 1.30
N GLU A 32 8.68 5.84 2.01
CA GLU A 32 9.62 6.89 1.64
C GLU A 32 11.05 6.39 1.81
N HIS A 33 11.29 5.66 2.90
CA HIS A 33 12.64 5.23 3.11
CA HIS A 33 12.60 5.07 3.19
C HIS A 33 12.99 4.12 2.07
N LEU A 34 12.07 3.25 1.71
CA LEU A 34 12.33 2.27 0.65
C LEU A 34 12.55 2.95 -0.69
N ARG A 35 11.83 4.01 -0.99
CA ARG A 35 12.00 4.75 -2.23
CA ARG A 35 12.00 4.73 -2.25
C ARG A 35 13.43 5.26 -2.33
N ASN A 36 13.93 5.86 -1.25
CA ASN A 36 15.30 6.36 -1.27
C ASN A 36 16.28 5.21 -1.46
N LYS A 37 16.06 4.09 -0.79
CA LYS A 37 16.95 2.94 -0.97
C LYS A 37 16.93 2.41 -2.40
N THR A 38 15.79 2.41 -3.05
CA THR A 38 15.71 1.90 -4.41
C THR A 38 16.27 2.91 -5.40
N GLU A 39 16.26 4.21 -5.10
CA GLU A 39 16.95 5.18 -5.93
C GLU A 39 18.44 4.87 -5.91
N ASP A 40 18.99 4.67 -4.71
CA ASP A 40 20.40 4.33 -4.57
C ASP A 40 20.68 3.00 -5.29
N LEU A 41 19.80 2.03 -5.16
CA LEU A 41 19.95 0.74 -5.85
C LEU A 41 20.03 0.92 -7.34
N GLU A 42 19.21 1.78 -7.92
CA GLU A 42 19.22 2.01 -9.34
C GLU A 42 20.60 2.59 -9.71
N ALA A 43 21.11 3.57 -8.98
CA ALA A 43 22.44 4.11 -9.31
C ALA A 43 23.49 3.00 -9.24
N THR A 44 23.47 2.19 -8.20
CA THR A 44 24.45 1.09 -8.07
C THR A 44 24.37 0.16 -9.29
N SER A 45 23.19 -0.11 -9.77
CA SER A 45 23.01 -1.02 -10.90
C SER A 45 23.57 -0.40 -12.16
N GLU A 46 23.55 0.91 -12.30
CA GLU A 46 24.18 1.59 -13.44
C GLU A 46 25.68 1.38 -13.38
N HIS A 47 26.28 1.50 -12.20
CA HIS A 47 27.75 1.27 -12.10
C HIS A 47 28.07 -0.15 -12.54
N PHE A 48 27.32 -1.11 -12.05
CA PHE A 48 27.54 -2.52 -12.39
C PHE A 48 27.42 -2.75 -13.90
N LYS A 49 26.43 -2.19 -14.55
CA LYS A 49 26.24 -2.33 -15.99
CA LYS A 49 26.26 -2.34 -15.98
C LYS A 49 27.42 -1.69 -16.71
N THR A 50 27.78 -0.46 -16.35
CA THR A 50 28.90 0.22 -17.01
C THR A 50 30.20 -0.56 -16.90
N THR A 51 30.50 -1.06 -15.71
CA THR A 51 31.75 -1.78 -15.51
C THR A 51 31.74 -3.09 -16.30
N SER A 52 30.60 -3.75 -16.37
CA SER A 52 30.50 -5.01 -17.08
CA SER A 52 30.42 -5.00 -17.11
C SER A 52 30.66 -4.76 -18.59
N GLN A 53 30.15 -3.64 -19.09
CA GLN A 53 30.31 -3.28 -20.51
C GLN A 53 31.79 -3.05 -20.79
N LYS A 54 32.49 -2.37 -19.90
CA LYS A 54 33.91 -2.09 -20.10
C LYS A 54 34.70 -3.40 -20.12
N VAL A 55 34.38 -4.35 -19.26
CA VAL A 55 35.06 -5.65 -19.25
C VAL A 55 34.76 -6.44 -20.50
N ALA A 56 33.53 -6.38 -21.01
CA ALA A 56 33.19 -7.11 -22.21
C ALA A 56 33.99 -6.52 -23.37
N ARG A 57 34.20 -5.21 -23.43
CA ARG A 57 34.99 -4.58 -24.49
C ARG A 57 36.40 -5.07 -24.41
N LYS A 58 36.93 -5.10 -23.20
CA LYS A 58 38.32 -5.48 -22.94
C LYS A 58 38.58 -6.90 -23.45
N PHE A 59 37.69 -7.82 -23.12
CA PHE A 59 37.87 -9.22 -23.51
C PHE A 59 37.59 -9.44 -24.97
N TRP A 60 36.73 -8.64 -25.57
CA TRP A 60 36.55 -8.69 -27.01
C TRP A 60 37.86 -8.33 -27.72
N TRP A 61 38.51 -7.24 -27.33
CA TRP A 61 39.76 -6.83 -27.98
C TRP A 61 40.93 -7.76 -27.67
N LYS A 62 40.92 -8.42 -26.52
CA LYS A 62 41.98 -9.37 -26.16
C LYS A 62 41.95 -10.58 -27.08
N ASN A 63 40.78 -10.87 -27.62
CA ASN A 63 40.58 -12.09 -28.39
C ASN A 63 40.40 -11.81 -29.87
N VAL A 64 40.70 -10.57 -30.24
CA VAL A 64 40.64 -10.07 -31.62
C VAL A 64 39.20 -10.00 -32.12
N GLU B 1 -36.51 8.79 22.00
CA GLU B 1 -35.10 8.58 21.69
C GLU B 1 -34.45 9.81 21.08
N SER B 2 -33.16 9.98 21.37
CA SER B 2 -32.39 11.09 20.83
C SER B 2 -31.34 10.56 19.85
N TRP B 3 -31.71 10.49 18.58
CA TRP B 3 -30.84 9.87 17.57
C TRP B 3 -29.83 10.83 16.94
N GLU B 4 -30.01 12.13 17.15
CA GLU B 4 -29.12 13.14 16.56
C GLU B 4 -27.69 13.01 17.05
N THR B 5 -27.52 12.39 18.22
CA THR B 5 -26.17 12.17 18.74
C THR B 5 -25.42 11.19 17.84
N LEU B 6 -26.14 10.28 17.20
CA LEU B 6 -25.50 9.33 16.29
C LEU B 6 -24.91 10.03 15.06
N GLU B 7 -25.55 11.07 14.56
CA GLU B 7 -25.05 11.83 13.41
C GLU B 7 -23.62 12.34 13.60
N ALA B 8 -23.37 12.98 14.74
CA ALA B 8 -22.03 13.49 15.04
C ALA B 8 -20.98 12.39 14.99
N ASP B 9 -21.31 11.22 15.55
CA ASP B 9 -20.39 10.09 15.57
C ASP B 9 -20.08 9.61 14.15
N LEU B 10 -21.09 9.64 13.29
CA LEU B 10 -20.93 9.15 11.93
C LEU B 10 -20.19 10.16 11.08
N ILE B 11 -20.32 11.44 11.40
CA ILE B 11 -19.53 12.47 10.75
C ILE B 11 -18.05 12.26 11.07
N GLU B 12 -17.74 11.99 12.33
CA GLU B 12 -16.38 11.70 12.75
C GLU B 12 -15.84 10.47 12.01
N LEU B 13 -16.65 9.41 11.93
CA LEU B 13 -16.24 8.18 11.25
C LEU B 13 -15.99 8.44 9.76
N SER B 14 -16.87 9.21 9.15
CA SER B 14 -16.78 9.56 7.74
C SER B 14 -15.45 10.28 7.45
N GLN B 15 -15.05 11.15 8.36
CA GLN B 15 -13.81 11.91 8.19
C GLN B 15 -12.61 10.99 8.26
N LEU B 16 -12.64 10.00 9.14
CA LEU B 16 -11.55 9.01 9.24
C LEU B 16 -11.41 8.22 7.95
N VAL B 17 -12.53 7.78 7.41
CA VAL B 17 -12.56 6.97 6.20
C VAL B 17 -12.07 7.80 5.02
N THR B 18 -12.50 9.04 4.93
CA THR B 18 -12.04 9.91 3.87
C THR B 18 -10.54 10.17 4.01
N ASP B 19 -10.09 10.48 5.22
CA ASP B 19 -8.65 10.72 5.47
C ASP B 19 -7.84 9.47 5.08
N PHE B 20 -8.30 8.30 5.49
CA PHE B 20 -7.62 7.05 5.13
C PHE B 20 -7.49 6.92 3.61
N SER B 21 -8.57 7.19 2.89
CA SER B 21 -8.57 7.04 1.45
CA SER B 21 -8.60 7.08 1.44
C SER B 21 -7.60 8.04 0.80
N LEU B 22 -7.53 9.27 1.29
CA LEU B 22 -6.61 10.28 0.74
C LEU B 22 -5.16 9.90 1.01
N LEU B 23 -4.91 9.30 2.16
CA LEU B 23 -3.55 8.88 2.50
C LEU B 23 -3.12 7.69 1.62
N VAL B 24 -3.98 6.69 1.44
CA VAL B 24 -3.67 5.56 0.56
C VAL B 24 -3.37 6.09 -0.85
N ASN B 25 -4.19 7.01 -1.35
CA ASN B 25 -3.99 7.53 -2.68
CA ASN B 25 -3.99 7.54 -2.68
C ASN B 25 -2.69 8.33 -2.79
N SER B 26 -2.36 9.07 -1.73
CA SER B 26 -1.17 9.91 -1.74
CA SER B 26 -1.16 9.90 -1.74
C SER B 26 0.11 9.08 -1.76
N GLN B 27 0.02 7.82 -1.30
CA GLN B 27 1.15 6.88 -1.28
C GLN B 27 1.33 6.12 -2.60
N GLN B 28 0.40 6.27 -3.53
CA GLN B 28 0.50 5.60 -4.83
C GLN B 28 1.80 5.99 -5.53
N GLU B 29 2.18 7.27 -5.49
CA GLU B 29 3.36 7.69 -6.26
CA GLU B 29 3.34 7.71 -6.24
CA GLU B 29 3.36 7.76 -6.20
C GLU B 29 4.61 7.11 -5.63
N LYS B 30 4.64 6.89 -4.31
CA LYS B 30 5.80 6.25 -3.67
CA LYS B 30 5.84 6.27 -3.72
C LYS B 30 5.94 4.82 -4.17
N ILE B 31 4.84 4.12 -4.22
CA ILE B 31 4.84 2.72 -4.64
CA ILE B 31 4.74 2.73 -4.69
C ILE B 31 5.25 2.61 -6.11
N ASP B 32 4.73 3.48 -6.96
CA ASP B 32 5.07 3.45 -8.38
C ASP B 32 6.55 3.80 -8.57
N SER B 33 7.06 4.71 -7.78
CA SER B 33 8.48 5.11 -7.91
CA SER B 33 8.45 5.13 -7.85
C SER B 33 9.39 3.96 -7.48
N ILE B 34 9.08 3.30 -6.38
CA ILE B 34 9.82 2.13 -5.95
C ILE B 34 9.83 1.08 -7.05
N ALA B 35 8.68 0.82 -7.63
CA ALA B 35 8.56 -0.22 -8.66
C ALA B 35 9.39 0.17 -9.88
N ASP B 36 9.38 1.44 -10.24
CA ASP B 36 10.12 1.86 -11.43
CA ASP B 36 10.12 1.92 -11.41
C ASP B 36 11.62 1.83 -11.15
N HIS B 37 12.07 2.26 -9.98
CA HIS B 37 13.50 2.16 -9.66
C HIS B 37 13.95 0.71 -9.72
N VAL B 38 13.19 -0.20 -9.15
CA VAL B 38 13.54 -1.61 -9.13
C VAL B 38 13.51 -2.19 -10.54
N ASN B 39 12.53 -1.82 -11.35
CA ASN B 39 12.49 -2.28 -12.73
CA ASN B 39 12.50 -2.31 -12.74
C ASN B 39 13.74 -1.86 -13.50
N SER B 40 14.12 -0.60 -13.35
CA SER B 40 15.31 -0.08 -14.02
C SER B 40 16.52 -0.82 -13.55
N ALA B 41 16.63 -1.02 -12.23
CA ALA B 41 17.79 -1.71 -11.69
C ALA B 41 17.86 -3.13 -12.26
N ALA B 42 16.72 -3.80 -12.37
CA ALA B 42 16.71 -5.20 -12.80
C ALA B 42 17.14 -5.29 -14.26
N VAL B 43 16.73 -4.35 -15.11
CA VAL B 43 17.18 -4.32 -16.50
C VAL B 43 18.68 -4.13 -16.53
N ASN B 44 19.20 -3.25 -15.69
CA ASN B 44 20.63 -2.99 -15.67
C ASN B 44 21.42 -4.18 -15.21
N VAL B 45 20.98 -4.84 -14.15
CA VAL B 45 21.69 -6.03 -13.64
C VAL B 45 21.62 -7.17 -14.64
N GLU B 46 20.50 -7.35 -15.31
CA GLU B 46 20.38 -8.39 -16.36
C GLU B 46 21.37 -8.07 -17.48
N GLU B 47 21.43 -6.83 -17.94
CA GLU B 47 22.33 -6.47 -19.02
CA GLU B 47 22.33 -6.47 -19.02
CA GLU B 47 22.33 -6.47 -19.02
C GLU B 47 23.78 -6.65 -18.59
N GLY B 48 24.11 -6.27 -17.37
CA GLY B 48 25.48 -6.47 -16.90
C GLY B 48 25.82 -7.95 -16.87
N THR B 49 24.94 -8.77 -16.35
CA THR B 49 25.14 -10.22 -16.29
C THR B 49 25.36 -10.77 -17.69
N LYS B 50 24.61 -10.32 -18.67
CA LYS B 50 24.74 -10.81 -20.04
C LYS B 50 26.09 -10.41 -20.61
N ASN B 51 26.57 -9.20 -20.31
CA ASN B 51 27.87 -8.76 -20.77
C ASN B 51 28.95 -9.63 -20.15
N LEU B 52 28.88 -9.96 -18.87
CA LEU B 52 29.87 -10.84 -18.24
C LEU B 52 29.80 -12.23 -18.88
N GLY B 53 28.62 -12.73 -19.22
CA GLY B 53 28.51 -14.03 -19.85
C GLY B 53 29.18 -14.05 -21.21
N LYS B 54 29.06 -12.96 -21.95
CA LYS B 54 29.73 -12.87 -23.25
C LYS B 54 31.23 -12.87 -23.06
N ALA B 55 31.72 -12.11 -22.09
CA ALA B 55 33.16 -12.06 -21.86
C ALA B 55 33.68 -13.43 -21.48
N ALA B 56 32.91 -14.19 -20.72
CA ALA B 56 33.27 -15.55 -20.31
C ALA B 56 33.39 -16.53 -21.48
N LYS B 57 32.81 -16.19 -22.64
CA LYS B 57 32.85 -17.07 -23.83
C LYS B 57 33.94 -16.70 -24.82
N TYR B 58 34.40 -15.44 -24.82
CA TYR B 58 35.34 -14.92 -25.82
C TYR B 58 36.61 -15.73 -25.69
N ALA C 1 -57.97 18.65 24.43
CA ALA C 1 -57.65 19.97 24.97
C ALA C 1 -56.18 20.30 24.74
N ASP C 2 -55.66 21.30 25.46
CA ASP C 2 -54.32 21.81 25.22
C ASP C 2 -53.21 20.76 25.49
N ARG C 3 -53.38 19.98 26.55
CA ARG C 3 -52.41 18.92 26.88
C ARG C 3 -52.32 17.89 25.75
N GLN C 4 -53.47 17.41 25.27
CA GLN C 4 -53.55 16.48 24.15
C GLN C 4 -52.90 17.05 22.91
N GLN C 5 -53.18 18.30 22.61
CA GLN C 5 -52.65 18.93 21.39
C GLN C 5 -51.12 19.08 21.49
N TYR C 6 -50.62 19.46 22.66
CA TYR C 6 -49.19 19.55 22.82
C TYR C 6 -48.55 18.18 22.58
N LEU C 7 -49.12 17.15 23.19
CA LEU C 7 -48.48 15.84 23.13
C LEU C 7 -48.50 15.25 21.72
N ARG C 8 -49.61 15.42 21.01
CA ARG C 8 -49.72 14.97 19.61
C ARG C 8 -48.74 15.69 18.72
N GLN C 9 -48.63 17.00 18.87
CA GLN C 9 -47.70 17.80 18.07
C GLN C 9 -46.27 17.38 18.37
N GLU C 10 -45.97 17.13 19.65
CA GLU C 10 -44.61 16.79 20.07
CA GLU C 10 -44.61 16.80 20.04
C GLU C 10 -44.20 15.43 19.49
N VAL C 11 -45.11 14.46 19.55
CA VAL C 11 -44.81 13.11 19.03
C VAL C 11 -44.53 13.18 17.54
N LEU C 12 -45.30 13.96 16.81
CA LEU C 12 -45.10 14.12 15.38
C LEU C 12 -43.81 14.85 15.08
N ARG C 13 -43.53 15.92 15.82
CA ARG C 13 -42.32 16.68 15.61
C ARG C 13 -41.11 15.78 15.83
N ARG C 14 -41.17 14.99 16.90
CA ARG C 14 -40.05 14.10 17.24
C ARG C 14 -39.88 13.00 16.19
N ALA C 15 -40.98 12.46 15.68
CA ALA C 15 -40.91 11.39 14.67
C ALA C 15 -40.31 11.93 13.38
N GLU C 16 -40.73 13.12 12.98
CA GLU C 16 -40.21 13.75 11.78
C GLU C 16 -38.71 13.99 11.97
N ALA C 17 -38.31 14.50 13.12
CA ALA C 17 -36.92 14.83 13.37
C ALA C 17 -36.05 13.57 13.42
N THR C 18 -36.59 12.50 13.98
CA THR C 18 -35.86 11.25 14.09
C THR C 18 -35.72 10.57 12.72
N ALA C 19 -36.77 10.62 11.92
CA ALA C 19 -36.74 10.10 10.56
C ALA C 19 -35.68 10.85 9.76
N ALA C 20 -35.69 12.18 9.85
CA ALA C 20 -34.73 12.99 9.11
C ALA C 20 -33.31 12.71 9.57
N SER C 21 -33.10 12.70 10.88
CA SER C 21 -31.78 12.48 11.44
C SER C 21 -31.22 11.10 11.08
N THR C 22 -32.04 10.07 11.25
CA THR C 22 -31.55 8.72 10.94
C THR C 22 -31.32 8.55 9.42
N SER C 23 -32.06 9.29 8.60
CA SER C 23 -31.81 9.27 7.15
C SER C 23 -30.48 9.94 6.84
N ARG C 24 -30.16 11.03 7.54
CA ARG C 24 -28.85 11.68 7.34
C ARG C 24 -27.72 10.75 7.78
N SER C 25 -27.91 10.06 8.89
CA SER C 25 -26.92 9.08 9.38
C SER C 25 -26.72 7.94 8.39
N LEU C 26 -27.80 7.44 7.82
CA LEU C 26 -27.73 6.36 6.84
C LEU C 26 -26.99 6.81 5.58
N ALA C 27 -27.21 8.05 5.15
CA ALA C 27 -26.52 8.58 3.97
C ALA C 27 -25.01 8.70 4.23
N LEU C 28 -24.64 9.15 5.43
CA LEU C 28 -23.22 9.26 5.81
C LEU C 28 -22.59 7.88 5.77
N MET C 29 -23.31 6.92 6.30
CA MET C 29 -22.86 5.53 6.37
CA MET C 29 -22.85 5.54 6.36
C MET C 29 -22.59 4.97 4.97
N TYR C 30 -23.56 5.12 4.08
CA TYR C 30 -23.45 4.56 2.73
C TYR C 30 -22.30 5.21 1.96
N GLU C 31 -22.10 6.50 2.11
CA GLU C 31 -20.99 7.19 1.44
CA GLU C 31 -21.01 7.15 1.41
C GLU C 31 -19.67 6.67 1.95
N SER C 32 -19.56 6.48 3.27
CA SER C 32 -18.34 5.97 3.89
C SER C 32 -18.04 4.55 3.40
N GLU C 33 -19.09 3.77 3.19
CA GLU C 33 -18.94 2.42 2.70
C GLU C 33 -18.35 2.45 1.27
N LYS C 34 -18.84 3.38 0.46
CA LYS C 34 -18.42 3.49 -0.94
C LYS C 34 -16.94 3.86 -0.97
N VAL C 35 -16.57 4.84 -0.14
CA VAL C 35 -15.18 5.31 -0.07
C VAL C 35 -14.27 4.20 0.49
N GLY C 36 -14.73 3.51 1.51
CA GLY C 36 -13.94 2.45 2.11
C GLY C 36 -13.69 1.27 1.18
N VAL C 37 -14.70 0.88 0.44
CA VAL C 37 -14.55 -0.20 -0.53
C VAL C 37 -13.53 0.22 -1.62
N ALA C 38 -13.67 1.44 -2.14
CA ALA C 38 -12.77 1.92 -3.19
C ALA C 38 -11.34 1.96 -2.68
N SER C 39 -11.14 2.43 -1.46
CA SER C 39 -9.82 2.52 -0.87
CA SER C 39 -9.79 2.53 -0.92
C SER C 39 -9.23 1.14 -0.63
N SER C 40 -10.06 0.20 -0.22
CA SER C 40 -9.64 -1.19 -0.03
CA SER C 40 -9.63 -1.18 -0.02
C SER C 40 -9.14 -1.81 -1.33
N GLU C 41 -9.84 -1.50 -2.41
CA GLU C 41 -9.48 -1.99 -3.74
C GLU C 41 -8.17 -1.37 -4.19
N GLU C 42 -7.97 -0.10 -3.87
CA GLU C 42 -6.72 0.59 -4.21
CA GLU C 42 -6.73 0.56 -4.24
C GLU C 42 -5.55 0.00 -3.42
N LEU C 43 -5.77 -0.27 -2.13
CA LEU C 43 -4.76 -0.93 -1.29
C LEU C 43 -4.36 -2.26 -1.89
N ALA C 44 -5.35 -3.03 -2.34
CA ALA C 44 -5.06 -4.35 -2.90
C ALA C 44 -4.24 -4.23 -4.19
N ARG C 45 -4.55 -3.25 -5.02
CA ARG C 45 -3.76 -3.01 -6.22
C ARG C 45 -2.32 -2.68 -5.85
N GLN C 46 -2.14 -1.86 -4.82
CA GLN C 46 -0.80 -1.49 -4.40
C GLN C 46 -0.02 -2.71 -3.92
N ARG C 47 -0.69 -3.64 -3.24
CA ARG C 47 -0.02 -4.88 -2.83
C ARG C 47 0.49 -5.67 -4.05
N GLY C 48 -0.29 -5.70 -5.12
CA GLY C 48 0.13 -6.40 -6.33
C GLY C 48 1.39 -5.77 -6.88
N VAL C 49 1.52 -4.45 -6.84
CA VAL C 49 2.75 -3.83 -7.30
C VAL C 49 3.92 -4.18 -6.41
N LEU C 50 3.72 -4.19 -5.10
CA LEU C 50 4.79 -4.57 -4.18
C LEU C 50 5.22 -6.00 -4.38
N GLU C 51 4.26 -6.89 -4.64
CA GLU C 51 4.57 -8.31 -4.85
C GLU C 51 5.40 -8.50 -6.13
N ARG C 52 5.04 -7.80 -7.18
CA ARG C 52 5.81 -7.87 -8.42
CA ARG C 52 5.81 -7.87 -8.42
CA ARG C 52 5.81 -7.87 -8.42
C ARG C 52 7.21 -7.32 -8.18
N THR C 53 7.31 -6.23 -7.40
CA THR C 53 8.59 -5.62 -7.11
C THR C 53 9.49 -6.61 -6.39
N GLU C 54 8.93 -7.37 -5.45
CA GLU C 54 9.72 -8.37 -4.73
C GLU C 54 10.23 -9.45 -5.69
N LYS C 55 9.42 -9.85 -6.67
CA LYS C 55 9.92 -10.82 -7.67
C LYS C 55 11.07 -10.24 -8.48
N MET C 56 11.07 -8.94 -8.73
CA MET C 56 12.15 -8.35 -9.50
C MET C 56 13.41 -8.28 -8.66
N VAL C 57 13.33 -8.03 -7.35
CA VAL C 57 14.50 -8.02 -6.49
CA VAL C 57 14.54 -7.99 -6.55
C VAL C 57 15.08 -9.43 -6.39
N ASP C 58 14.21 -10.43 -6.31
CA ASP C 58 14.65 -11.84 -6.31
C ASP C 58 15.39 -12.16 -7.63
N LYS C 59 14.89 -11.66 -8.75
CA LYS C 59 15.51 -11.84 -10.07
C LYS C 59 16.92 -11.27 -10.04
N MET C 60 17.11 -10.08 -9.45
CA MET C 60 18.45 -9.47 -9.45
C MET C 60 19.41 -10.28 -8.59
N ASP C 61 18.94 -10.85 -7.49
CA ASP C 61 19.79 -11.70 -6.68
C ASP C 61 20.25 -12.95 -7.48
N GLN C 62 19.33 -13.56 -8.20
CA GLN C 62 19.66 -14.69 -9.08
C GLN C 62 20.71 -14.28 -10.14
N ASP C 63 20.50 -13.13 -10.77
CA ASP C 63 21.41 -12.67 -11.81
C ASP C 63 22.79 -12.39 -11.22
N LEU C 64 22.91 -11.89 -10.00
CA LEU C 64 24.25 -11.71 -9.40
C LEU C 64 24.93 -13.05 -9.14
N LYS C 65 24.16 -14.08 -8.81
CA LYS C 65 24.76 -15.41 -8.64
C LYS C 65 25.30 -15.94 -9.98
N ILE C 66 24.58 -15.69 -11.06
CA ILE C 66 25.02 -16.07 -12.40
C ILE C 66 26.26 -15.25 -12.74
N SER C 67 26.25 -13.95 -12.39
CA SER C 67 27.42 -13.12 -12.64
C SER C 67 28.66 -13.60 -11.94
N GLN C 68 28.53 -14.06 -10.70
CA GLN C 68 29.68 -14.59 -9.98
C GLN C 68 30.25 -15.83 -10.68
N LYS C 69 29.38 -16.68 -11.22
CA LYS C 69 29.86 -17.83 -12.00
C LYS C 69 30.62 -17.33 -13.22
N HIS C 70 30.15 -16.28 -13.89
CA HIS C 70 30.90 -15.74 -15.03
C HIS C 70 32.24 -15.16 -14.61
N ILE C 71 32.30 -14.43 -13.51
CA ILE C 71 33.56 -13.91 -13.00
C ILE C 71 34.54 -15.07 -12.76
N ASN C 72 34.06 -16.14 -12.13
CA ASN C 72 34.92 -17.31 -11.88
C ASN C 72 35.42 -17.90 -13.20
N SER C 73 34.57 -17.97 -14.21
CA SER C 73 34.99 -18.50 -15.53
C SER C 73 36.04 -17.63 -16.17
N ILE C 74 35.86 -16.32 -16.09
CA ILE C 74 36.79 -15.39 -16.72
C ILE C 74 38.17 -15.48 -16.07
N LYS C 75 38.19 -15.62 -14.73
CA LYS C 75 39.45 -15.76 -14.00
C LYS C 75 40.14 -17.11 -14.24
N SER C 76 39.38 -18.11 -14.68
CA SER C 76 39.93 -19.45 -14.89
CA SER C 76 39.94 -19.43 -14.88
C SER C 76 40.57 -19.53 -16.26
N VAL C 77 41.79 -19.05 -16.38
CA VAL C 77 42.48 -19.02 -17.66
C VAL C 77 43.19 -20.34 -17.94
N PHE C 78 43.85 -20.90 -16.92
CA PHE C 78 44.58 -22.15 -17.07
C PHE C 78 43.79 -23.33 -16.50
N HIS D 1 -48.36 11.22 7.93
CA HIS D 1 -48.82 10.29 8.95
C HIS D 1 -47.70 9.82 9.86
N LEU D 2 -48.01 9.74 11.14
CA LEU D 2 -47.09 9.28 12.17
C LEU D 2 -46.53 7.90 11.83
N ARG D 3 -47.41 7.04 11.32
CA ARG D 3 -47.09 5.65 11.04
C ARG D 3 -46.03 5.56 9.96
N ALA D 4 -46.12 6.43 8.95
CA ALA D 4 -45.10 6.47 7.90
C ALA D 4 -43.75 6.87 8.48
N TYR D 5 -43.73 7.78 9.45
CA TYR D 5 -42.44 8.16 10.05
C TYR D 5 -41.86 7.00 10.84
N HIS D 6 -42.68 6.32 11.62
CA HIS D 6 -42.21 5.18 12.43
C HIS D 6 -41.65 4.10 11.54
N GLN D 7 -42.36 3.80 10.46
CA GLN D 7 -41.91 2.82 9.47
C GLN D 7 -40.54 3.18 8.89
N LYS D 8 -40.36 4.45 8.55
CA LYS D 8 -39.10 4.93 7.99
C LYS D 8 -37.96 4.85 9.01
N ILE D 9 -38.22 5.24 10.24
CA ILE D 9 -37.22 5.13 11.28
C ILE D 9 -36.81 3.68 11.48
N ASP D 10 -37.77 2.77 11.52
CA ASP D 10 -37.48 1.36 11.74
C ASP D 10 -36.58 0.82 10.62
N SER D 11 -36.90 1.15 9.37
CA SER D 11 -36.09 0.62 8.26
C SER D 11 -34.72 1.29 8.27
N ASN D 12 -34.66 2.58 8.60
CA ASN D 12 -33.36 3.25 8.72
C ASN D 12 -32.50 2.61 9.79
N LEU D 13 -33.08 2.25 10.93
CA LEU D 13 -32.28 1.67 11.99
C LEU D 13 -31.78 0.28 11.61
N ASP D 14 -32.62 -0.50 10.92
CA ASP D 14 -32.19 -1.80 10.38
C ASP D 14 -31.03 -1.62 9.42
N GLU D 15 -31.16 -0.68 8.50
CA GLU D 15 -30.12 -0.48 7.48
C GLU D 15 -28.84 0.09 8.11
N LEU D 16 -28.96 0.91 9.14
CA LEU D 16 -27.79 1.40 9.88
C LEU D 16 -27.04 0.27 10.57
N SER D 17 -27.79 -0.63 11.20
CA SER D 17 -27.21 -1.75 11.91
C SER D 17 -26.48 -2.66 10.95
N MET D 18 -27.13 -3.00 9.83
CA MET D 18 -26.49 -3.85 8.83
C MET D 18 -25.29 -3.17 8.20
N GLY D 19 -25.43 -1.89 7.86
CA GLY D 19 -24.35 -1.16 7.23
C GLY D 19 -23.13 -0.95 8.11
N LEU D 20 -23.33 -0.75 9.40
CA LEU D 20 -22.20 -0.62 10.33
C LEU D 20 -21.46 -1.96 10.47
N GLY D 21 -22.18 -3.06 10.32
CA GLY D 21 -21.55 -4.36 10.32
C GLY D 21 -20.65 -4.47 9.10
N ARG D 22 -21.11 -3.99 7.94
CA ARG D 22 -20.33 -4.03 6.71
C ARG D 22 -19.13 -3.10 6.80
N LEU D 23 -19.29 -1.93 7.41
CA LEU D 23 -18.17 -1.01 7.65
C LEU D 23 -17.11 -1.61 8.55
N LYS D 24 -17.55 -2.32 9.58
CA LYS D 24 -16.62 -3.00 10.48
C LYS D 24 -15.79 -4.02 9.69
N ASP D 25 -16.45 -4.80 8.85
CA ASP D 25 -15.77 -5.75 7.97
C ASP D 25 -14.78 -5.06 7.04
N ILE D 26 -15.17 -3.95 6.45
CA ILE D 26 -14.25 -3.19 5.60
C ILE D 26 -13.04 -2.70 6.41
N ALA D 27 -13.27 -2.16 7.60
CA ALA D 27 -12.20 -1.61 8.43
C ALA D 27 -11.27 -2.73 8.87
N LEU D 28 -11.83 -3.88 9.24
CA LEU D 28 -10.99 -5.04 9.58
C LEU D 28 -10.21 -5.54 8.37
N GLY D 29 -10.82 -5.50 7.18
CA GLY D 29 -10.12 -5.91 5.97
C GLY D 29 -8.95 -5.00 5.68
N MET D 30 -9.11 -3.70 5.91
CA MET D 30 -7.99 -2.76 5.76
C MET D 30 -6.89 -3.09 6.73
N GLN D 31 -7.26 -3.40 7.96
CA GLN D 31 -6.30 -3.71 9.00
C GLN D 31 -5.46 -4.91 8.58
N THR D 32 -6.13 -5.95 8.08
CA THR D 32 -5.44 -7.16 7.65
C THR D 32 -4.52 -6.90 6.47
N GLU D 33 -5.02 -6.11 5.52
CA GLU D 33 -4.27 -5.75 4.33
C GLU D 33 -2.99 -4.99 4.69
N ILE D 34 -3.11 -4.03 5.59
CA ILE D 34 -1.96 -3.25 6.05
C ILE D 34 -0.94 -4.13 6.76
N GLU D 35 -1.40 -5.06 7.58
CA GLU D 35 -0.51 -6.01 8.25
CA GLU D 35 -0.49 -5.99 8.25
C GLU D 35 0.25 -6.85 7.23
N GLU D 36 -0.45 -7.36 6.23
CA GLU D 36 0.16 -8.17 5.17
CA GLU D 36 0.19 -8.19 5.21
C GLU D 36 1.20 -7.35 4.43
N GLN D 37 0.87 -6.12 4.09
CA GLN D 37 1.78 -5.28 3.34
C GLN D 37 2.98 -4.82 4.17
N ASP D 38 2.80 -4.68 5.47
CA ASP D 38 3.90 -4.38 6.37
CA ASP D 38 3.90 -4.35 6.34
C ASP D 38 4.97 -5.46 6.26
N ASP D 39 4.52 -6.70 6.21
CA ASP D 39 5.44 -7.81 6.14
CA ASP D 39 5.39 -7.85 6.10
C ASP D 39 6.15 -7.83 4.79
N ILE D 40 5.41 -7.60 3.70
CA ILE D 40 6.04 -7.54 2.37
C ILE D 40 7.03 -6.40 2.33
N LEU D 41 6.68 -5.25 2.85
CA LEU D 41 7.56 -4.08 2.78
CA LEU D 41 7.54 -4.08 2.80
C LEU D 41 8.83 -4.29 3.62
N ASP D 42 8.70 -4.94 4.75
CA ASP D 42 9.84 -5.26 5.60
C ASP D 42 10.81 -6.18 4.84
N ARG D 43 10.25 -7.23 4.26
CA ARG D 43 11.07 -8.19 3.55
C ARG D 43 11.70 -7.54 2.31
N LEU D 44 10.94 -6.74 1.59
CA LEU D 44 11.45 -6.03 0.43
C LEU D 44 12.61 -5.09 0.81
N THR D 45 12.46 -4.38 1.92
CA THR D 45 13.49 -3.46 2.36
C THR D 45 14.76 -4.24 2.72
N THR D 46 14.61 -5.35 3.42
CA THR D 46 15.76 -6.19 3.77
CA THR D 46 15.79 -6.15 3.75
C THR D 46 16.45 -6.66 2.48
N LYS D 47 15.66 -7.14 1.53
CA LYS D 47 16.27 -7.67 0.30
C LYS D 47 16.96 -6.56 -0.48
N VAL D 48 16.40 -5.36 -0.52
CA VAL D 48 17.04 -4.25 -1.22
C VAL D 48 18.33 -3.82 -0.52
N ASP D 49 18.33 -3.77 0.81
CA ASP D 49 19.55 -3.41 1.56
C ASP D 49 20.68 -4.42 1.24
N LYS D 50 20.35 -5.70 1.25
CA LYS D 50 21.38 -6.73 0.98
C LYS D 50 21.81 -6.66 -0.48
N LEU D 51 20.87 -6.51 -1.38
CA LEU D 51 21.15 -6.48 -2.80
C LEU D 51 22.06 -5.32 -3.18
N ASP D 52 21.90 -4.15 -2.57
CA ASP D 52 22.74 -3.00 -2.90
CA ASP D 52 22.75 -3.01 -2.88
C ASP D 52 24.20 -3.34 -2.53
N VAL D 53 24.40 -3.93 -1.35
CA VAL D 53 25.75 -4.34 -0.96
C VAL D 53 26.29 -5.39 -1.95
N ASN D 54 25.46 -6.34 -2.32
CA ASN D 54 25.93 -7.42 -3.19
C ASN D 54 26.23 -6.91 -4.60
N ILE D 55 25.44 -6.00 -5.16
CA ILE D 55 25.77 -5.47 -6.49
C ILE D 55 27.07 -4.69 -6.44
N LYS D 56 27.25 -3.83 -5.43
CA LYS D 56 28.47 -3.04 -5.32
CA LYS D 56 28.47 -3.05 -5.30
C LYS D 56 29.67 -3.98 -5.21
N SER D 57 29.55 -5.04 -4.41
CA SER D 57 30.67 -5.95 -4.19
CA SER D 57 30.66 -5.99 -4.20
C SER D 57 31.01 -6.70 -5.49
N THR D 58 29.99 -7.09 -6.24
CA THR D 58 30.21 -7.79 -7.49
C THR D 58 30.87 -6.86 -8.49
N GLU D 59 30.43 -5.61 -8.57
CA GLU D 59 31.02 -4.64 -9.48
C GLU D 59 32.50 -4.49 -9.17
N ARG D 60 32.88 -4.45 -7.89
CA ARG D 60 34.29 -4.28 -7.54
CA ARG D 60 34.28 -4.28 -7.56
C ARG D 60 35.12 -5.50 -7.96
N LYS D 61 34.51 -6.68 -7.96
CA LYS D 61 35.23 -7.88 -8.46
C LYS D 61 35.40 -7.78 -9.97
N VAL D 62 34.39 -7.29 -10.68
CA VAL D 62 34.46 -7.19 -12.15
C VAL D 62 35.55 -6.20 -12.54
N ARG D 63 35.73 -5.14 -11.74
CA ARG D 63 36.81 -4.17 -11.99
C ARG D 63 38.18 -4.75 -12.02
N GLN D 64 38.37 -5.90 -11.37
CA GLN D 64 39.70 -6.50 -11.33
C GLN D 64 39.97 -7.42 -12.49
N LEU D 65 38.99 -7.66 -13.34
CA LEU D 65 39.16 -8.67 -14.39
C LEU D 65 40.00 -8.19 -15.57
#